data_2F5O
#
_entry.id   2F5O
#
_cell.length_a   45.543
_cell.length_b   93.253
_cell.length_c   105.257
_cell.angle_alpha   90.00
_cell.angle_beta   90.00
_cell.angle_gamma   90.00
#
_symmetry.space_group_name_H-M   'P 21 21 21'
#
loop_
_entity.id
_entity.type
_entity.pdbx_description
1 polymer "5'-D(*AP*GP*GP*TP*AP*GP*AP*TP*CP*CP*GP*GP*AP*CP*GP*C)-3'"
2 polymer "5'-D(*TP*GP*C*GP*TP*CP*CP*GP*GP*AP*TP*CP*TP*AP*CP*C)-3'"
3 polymer 'formamidopyrimidine-DNA glycosidase'
4 non-polymer 'ZINC ION'
5 non-polymer GLYCEROL
6 water water
#
loop_
_entity_poly.entity_id
_entity_poly.type
_entity_poly.pdbx_seq_one_letter_code
_entity_poly.pdbx_strand_id
1 'polydeoxyribonucleotide' (DA)(DG)(DG)(DT)(DA)(DG)(DA)(DT)(DC)(DC)(DG)(DG)(DA)(DC)(DG)(DC) B
2 'polydeoxyribonucleotide' (DT)(DG)(DC)(DG)(DT)(DC)(DC)(DG)(DG)(DA)(DT)(DC)(DT)(DA)(DC)(DC) C
3 'polypeptide(L)'
;MPELPEVETIRRTLLPLIVGKTIEDVRIFWPNIIRHPRDSEAFAARMIGQTVRGLERRGKFLKFLLDRDALISHLRMEGR
YAVASALEPLEPHTHVVFCFTDGSELRYRDVRKFGTMHVYAKEEADRRPPLAELGPEPLSPAFSPAVLAERAVKTKRSVK
ALLLDCTVVAGFGNIYVDESLFRAGILPGRPAASLSSKEIERLHEEMVATIGEAVMKGGSTVRTYVNTQGEAGTFQHHLY
VYGRQGNPCKRCGTPIEKTVVAGRGTHYCPRCQR
;
A
#
loop_
_chem_comp.id
_chem_comp.type
_chem_comp.name
_chem_comp.formula
DA DNA linking 2'-DEOXYADENOSINE-5'-MONOPHOSPHATE 'C10 H14 N5 O6 P'
DC DNA linking 2'-DEOXYCYTIDINE-5'-MONOPHOSPHATE 'C9 H14 N3 O7 P'
DG DNA linking 2'-DEOXYGUANOSINE-5'-MONOPHOSPHATE 'C10 H14 N5 O7 P'
DT DNA linking THYMIDINE-5'-MONOPHOSPHATE 'C10 H15 N2 O8 P'
GOL non-polymer GLYCEROL 'C3 H8 O3'
ZN non-polymer 'ZINC ION' 'Zn 2'
#
# COMPACT_ATOMS: atom_id res chain seq x y z
N PRO C 2 6.78 0.76 2.02
CA PRO C 2 6.82 0.04 0.70
C PRO C 2 5.61 0.33 -0.19
N GLU C 3 5.83 0.33 -1.51
CA GLU C 3 4.76 0.58 -2.48
C GLU C 3 4.10 -0.75 -2.90
N LEU C 4 3.01 -0.71 -3.64
CA LEU C 4 2.26 -1.90 -3.97
C LEU C 4 3.12 -3.09 -4.43
N PRO C 5 4.09 -2.89 -5.35
CA PRO C 5 4.92 -4.00 -5.82
C PRO C 5 5.66 -4.71 -4.70
N GLU C 6 6.27 -3.93 -3.81
CA GLU C 6 7.02 -4.47 -2.66
C GLU C 6 6.09 -5.22 -1.71
N VAL C 7 4.88 -4.68 -1.50
CA VAL C 7 3.92 -5.32 -0.60
C VAL C 7 3.55 -6.65 -1.22
N GLU C 8 3.35 -6.70 -2.53
CA GLU C 8 3.03 -7.99 -3.16
C GLU C 8 4.20 -9.00 -2.99
N THR C 9 5.41 -8.52 -2.97
CA THR C 9 6.60 -9.38 -2.80
C THR C 9 6.63 -9.90 -1.35
N ILE C 10 6.32 -9.00 -0.40
CA ILE C 10 6.27 -9.37 1.00
C ILE C 10 5.18 -10.41 1.16
N ARG C 11 4.03 -10.20 0.54
CA ARG C 11 2.97 -11.16 0.71
C ARG C 11 3.40 -12.54 0.24
N ARG C 12 4.03 -12.58 -0.93
CA ARG C 12 4.44 -13.84 -1.51
C ARG C 12 5.54 -14.54 -0.73
N THR C 13 6.51 -13.77 -0.27
N THR C 13 6.52 -13.79 -0.27
CA THR C 13 7.62 -14.35 0.46
CA THR C 13 7.64 -14.38 0.46
C THR C 13 7.33 -14.68 1.93
C THR C 13 7.38 -14.65 1.96
N LEU C 14 6.49 -13.88 2.58
CA LEU C 14 6.16 -14.10 4.01
C LEU C 14 5.27 -15.30 4.21
N LEU C 15 4.29 -15.51 3.35
CA LEU C 15 3.32 -16.63 3.55
C LEU C 15 3.96 -17.94 3.95
N PRO C 16 4.87 -18.47 3.12
CA PRO C 16 5.49 -19.76 3.51
C PRO C 16 6.21 -19.76 4.87
N LEU C 17 6.75 -18.63 5.30
CA LEU C 17 7.45 -18.54 6.59
C LEU C 17 6.52 -18.53 7.80
N ILE C 18 5.22 -18.41 7.59
CA ILE C 18 4.34 -18.38 8.74
C ILE C 18 3.12 -19.26 8.59
N VAL C 19 2.82 -19.68 7.39
CA VAL C 19 1.63 -20.50 7.23
C VAL C 19 1.63 -21.75 8.14
N GLY C 20 0.52 -22.01 8.81
CA GLY C 20 0.46 -23.19 9.68
C GLY C 20 1.00 -23.01 11.10
N LYS C 21 1.65 -21.89 11.41
CA LYS C 21 2.09 -21.66 12.79
C LYS C 21 0.92 -21.15 13.68
N THR C 22 0.94 -21.49 14.97
CA THR C 22 -0.15 -21.10 15.91
C THR C 22 0.40 -20.03 16.86
N ILE C 23 -0.36 -18.98 17.13
CA ILE C 23 0.09 -17.88 17.98
C ILE C 23 -0.02 -18.26 19.43
N GLU C 24 1.07 -18.09 20.17
CA GLU C 24 1.11 -18.44 21.58
C GLU C 24 1.11 -17.13 22.35
N ASP C 25 1.64 -16.05 21.77
CA ASP C 25 1.63 -14.79 22.53
C ASP C 25 1.76 -13.61 21.56
N VAL C 26 1.29 -12.45 21.96
CA VAL C 26 1.40 -11.27 21.10
C VAL C 26 1.91 -10.21 22.06
N ARG C 27 3.06 -9.62 21.75
CA ARG C 27 3.67 -8.58 22.59
C ARG C 27 3.69 -7.25 21.82
N ILE C 28 3.27 -6.19 22.49
CA ILE C 28 3.14 -4.88 21.83
C ILE C 28 4.00 -3.87 22.62
N PHE C 29 4.90 -3.19 21.92
CA PHE C 29 5.78 -2.24 22.60
C PHE C 29 5.39 -0.78 22.24
N TRP C 30 4.49 -0.61 21.27
CA TRP C 30 3.96 0.73 20.94
C TRP C 30 2.51 0.53 20.63
N PRO C 31 1.65 0.64 21.65
CA PRO C 31 0.21 0.48 21.57
C PRO C 31 -0.52 1.21 20.45
N ASN C 32 -0.05 2.40 20.10
CA ASN C 32 -0.70 3.20 19.07
C ASN C 32 -0.84 2.57 17.69
N ILE C 33 0.01 1.57 17.39
CA ILE C 33 -0.03 0.85 16.09
C ILE C 33 -1.37 0.12 16.00
N ILE C 34 -1.85 -0.36 17.16
CA ILE C 34 -3.10 -1.12 17.23
C ILE C 34 -4.32 -0.19 17.13
N ARG C 35 -5.13 -0.32 16.07
CA ARG C 35 -6.29 0.57 15.88
C ARG C 35 -7.59 -0.13 16.18
N HIS C 36 -7.63 -1.46 16.05
CA HIS C 36 -8.85 -2.20 16.46
C HIS C 36 -8.51 -3.62 16.80
N PRO C 37 -8.96 -4.14 17.94
CA PRO C 37 -9.75 -3.42 18.94
C PRO C 37 -8.91 -2.26 19.47
N ARG C 38 -9.56 -1.22 19.98
CA ARG C 38 -8.84 -0.05 20.46
C ARG C 38 -7.88 -0.41 21.62
N ASP C 39 -8.32 -1.32 22.47
CA ASP C 39 -7.49 -1.79 23.58
C ASP C 39 -6.40 -2.80 23.09
N SER C 40 -5.12 -2.45 23.18
CA SER C 40 -4.14 -3.38 22.70
C SER C 40 -4.13 -4.69 23.50
N GLU C 41 -4.61 -4.70 24.74
CA GLU C 41 -4.66 -5.99 25.45
C GLU C 41 -5.74 -6.95 24.86
N ALA C 42 -6.83 -6.41 24.31
CA ALA C 42 -7.88 -7.26 23.73
C ALA C 42 -7.37 -7.78 22.39
N PHE C 43 -6.62 -6.93 21.68
CA PHE C 43 -6.02 -7.31 20.39
C PHE C 43 -5.13 -8.54 20.62
N ALA C 44 -4.25 -8.46 21.61
CA ALA C 44 -3.31 -9.53 21.93
C ALA C 44 -4.09 -10.78 22.37
N ALA C 45 -5.01 -10.61 23.30
CA ALA C 45 -5.75 -11.76 23.82
C ALA C 45 -6.52 -12.54 22.71
N ARG C 46 -7.17 -11.84 21.80
CA ARG C 46 -7.96 -12.56 20.82
C ARG C 46 -7.17 -13.38 19.80
N MET C 47 -5.95 -12.93 19.54
N MET C 47 -5.95 -12.98 19.51
CA MET C 47 -5.05 -13.59 18.57
CA MET C 47 -5.19 -13.75 18.52
C MET C 47 -4.48 -14.91 19.12
C MET C 47 -4.52 -15.01 19.08
N ILE C 48 -4.32 -15.00 20.43
N ILE C 48 -4.22 -15.02 20.37
CA ILE C 48 -3.75 -16.20 21.04
CA ILE C 48 -3.58 -16.19 20.96
C ILE C 48 -4.50 -17.47 20.68
C ILE C 48 -4.42 -17.43 20.71
N GLY C 49 -3.77 -18.50 20.24
CA GLY C 49 -4.45 -19.75 19.93
C GLY C 49 -4.91 -19.92 18.47
N GLN C 50 -4.80 -18.87 17.66
CA GLN C 50 -5.20 -19.00 16.27
C GLN C 50 -3.98 -19.38 15.44
N THR C 51 -4.23 -20.14 14.38
CA THR C 51 -3.20 -20.55 13.45
C THR C 51 -3.30 -19.67 12.21
N VAL C 52 -2.16 -19.32 11.66
CA VAL C 52 -2.14 -18.54 10.41
C VAL C 52 -2.53 -19.45 9.24
N ARG C 53 -3.56 -19.07 8.49
CA ARG C 53 -3.95 -19.90 7.33
C ARG C 53 -3.62 -19.25 5.94
N GLY C 54 -3.45 -17.95 5.86
CA GLY C 54 -3.13 -17.40 4.55
C GLY C 54 -2.70 -15.95 4.64
N LEU C 55 -2.35 -15.35 3.52
CA LEU C 55 -1.92 -13.98 3.53
C LEU C 55 -2.28 -13.41 2.15
N GLU C 56 -3.14 -12.39 2.17
CA GLU C 56 -3.59 -11.73 0.96
C GLU C 56 -3.16 -10.28 0.99
N ARG C 57 -3.40 -9.60 -0.12
CA ARG C 57 -3.07 -8.21 -0.22
C ARG C 57 -4.21 -7.46 -0.90
N ARG C 58 -4.54 -6.27 -0.42
CA ARG C 58 -5.54 -5.40 -1.10
C ARG C 58 -4.86 -4.02 -1.11
N GLY C 59 -4.53 -3.48 -2.30
CA GLY C 59 -3.87 -2.20 -2.33
C GLY C 59 -2.54 -2.41 -1.63
N LYS C 60 -2.17 -1.52 -0.71
CA LYS C 60 -0.93 -1.72 0.05
C LYS C 60 -1.17 -2.40 1.44
N PHE C 61 -2.42 -2.79 1.72
CA PHE C 61 -2.72 -3.51 2.98
C PHE C 61 -2.43 -5.02 2.84
N LEU C 62 -1.87 -5.64 3.90
CA LEU C 62 -1.64 -7.10 3.92
C LEU C 62 -2.77 -7.62 4.81
N LYS C 63 -3.38 -8.74 4.41
CA LYS C 63 -4.45 -9.27 5.21
C LYS C 63 -4.02 -10.66 5.70
N PHE C 64 -3.73 -10.80 6.98
CA PHE C 64 -3.32 -12.11 7.46
C PHE C 64 -4.60 -12.86 7.79
N LEU C 65 -4.79 -14.05 7.27
CA LEU C 65 -5.99 -14.84 7.57
C LEU C 65 -5.66 -15.84 8.69
N LEU C 66 -6.38 -15.79 9.80
CA LEU C 66 -6.10 -16.71 10.92
C LEU C 66 -7.29 -17.66 10.98
N ASP C 67 -7.64 -18.24 12.14
CA ASP C 67 -8.72 -19.22 12.17
C ASP C 67 -10.06 -18.55 12.14
N ARG C 68 -10.24 -17.60 13.02
CA ARG C 68 -11.50 -16.88 13.04
C ARG C 68 -11.35 -15.43 12.60
N ASP C 69 -10.16 -14.85 12.82
CA ASP C 69 -9.94 -13.42 12.52
C ASP C 69 -9.07 -13.13 11.30
N ALA C 70 -9.09 -11.87 10.86
CA ALA C 70 -8.18 -11.40 9.81
C ALA C 70 -7.38 -10.28 10.52
N LEU C 71 -6.07 -10.17 10.30
CA LEU C 71 -5.31 -9.04 10.88
C LEU C 71 -4.99 -8.20 9.61
N ILE C 72 -5.40 -6.93 9.58
N ILE C 72 -5.39 -6.94 9.61
CA ILE C 72 -5.15 -6.09 8.41
CA ILE C 72 -5.17 -6.03 8.46
C ILE C 72 -4.05 -5.14 8.79
C ILE C 72 -4.01 -5.13 8.83
N SER C 73 -2.96 -5.17 8.04
CA SER C 73 -1.78 -4.37 8.37
C SER C 73 -1.30 -3.42 7.26
N HIS C 74 -0.90 -2.19 7.61
CA HIS C 74 -0.36 -1.25 6.64
C HIS C 74 0.99 -0.81 7.18
N LEU C 75 2.03 -0.97 6.36
CA LEU C 75 3.41 -0.66 6.75
C LEU C 75 3.79 0.79 6.51
N ARG C 76 2.92 1.51 5.83
CA ARG C 76 3.18 2.89 5.46
C ARG C 76 4.53 2.95 4.78
N MET C 77 5.29 3.98 5.06
CA MET C 77 6.57 4.19 4.42
C MET C 77 7.73 3.30 4.83
N GLU C 78 7.85 2.96 6.11
CA GLU C 78 9.01 2.19 6.52
C GLU C 78 8.76 0.92 7.36
N GLY C 79 7.52 0.50 7.51
CA GLY C 79 7.27 -0.72 8.27
C GLY C 79 7.92 -1.89 7.55
N ARG C 80 8.22 -2.95 8.29
CA ARG C 80 8.85 -4.13 7.72
C ARG C 80 8.56 -5.35 8.61
N TYR C 81 8.41 -6.53 8.04
CA TYR C 81 8.18 -7.75 8.79
C TYR C 81 9.34 -8.70 8.64
N ALA C 82 9.61 -9.47 9.68
CA ALA C 82 10.67 -10.49 9.58
C ALA C 82 10.25 -11.67 10.45
N VAL C 83 10.75 -12.85 10.13
CA VAL C 83 10.49 -14.04 10.91
C VAL C 83 11.84 -14.46 11.49
N ALA C 84 11.92 -14.63 12.81
CA ALA C 84 13.19 -15.07 13.42
C ALA C 84 12.93 -15.83 14.74
N SER C 85 14.00 -16.30 15.36
CA SER C 85 13.94 -17.07 16.57
C SER C 85 13.66 -16.27 17.84
N ALA C 86 12.83 -16.82 18.74
CA ALA C 86 12.56 -16.10 19.99
C ALA C 86 13.85 -16.09 20.87
N LEU C 87 14.84 -16.91 20.54
CA LEU C 87 16.04 -16.89 21.38
C LEU C 87 17.00 -15.72 21.11
N GLU C 88 16.86 -15.04 19.98
CA GLU C 88 17.77 -13.94 19.59
C GLU C 88 17.33 -12.55 20.02
N PRO C 89 18.29 -11.64 20.30
CA PRO C 89 17.93 -10.27 20.71
C PRO C 89 17.07 -9.58 19.62
N LEU C 90 16.12 -8.75 20.06
CA LEU C 90 15.26 -8.02 19.10
C LEU C 90 15.98 -6.87 18.34
N GLU C 91 15.75 -6.72 17.03
CA GLU C 91 16.32 -5.65 16.24
C GLU C 91 15.72 -4.30 16.78
N PRO C 92 16.34 -3.15 16.47
CA PRO C 92 15.80 -1.88 16.95
C PRO C 92 14.45 -1.54 16.30
N HIS C 93 13.61 -0.79 17.03
CA HIS C 93 12.31 -0.35 16.55
C HIS C 93 11.30 -1.49 16.29
N THR C 94 11.34 -2.55 17.09
CA THR C 94 10.41 -3.63 16.87
C THR C 94 9.23 -3.24 17.75
N HIS C 95 8.06 -3.00 17.18
CA HIS C 95 6.95 -2.56 18.02
C HIS C 95 5.87 -3.57 18.36
N VAL C 96 5.77 -4.64 17.56
CA VAL C 96 4.76 -5.70 17.72
C VAL C 96 5.43 -7.06 17.36
N VAL C 97 5.31 -8.06 18.23
CA VAL C 97 5.89 -9.37 17.94
C VAL C 97 4.80 -10.44 18.15
N PHE C 98 4.62 -11.31 17.17
CA PHE C 98 3.64 -12.41 17.32
C PHE C 98 4.52 -13.67 17.59
N CYS C 99 4.39 -14.26 18.76
CA CYS C 99 5.21 -15.42 19.15
C CYS C 99 4.44 -16.69 18.79
N PHE C 100 5.09 -17.55 18.02
CA PHE C 100 4.47 -18.81 17.62
C PHE C 100 4.93 -19.94 18.57
N THR C 101 4.13 -21.00 18.60
CA THR C 101 4.40 -22.16 19.48
C THR C 101 5.67 -22.94 19.15
N ASP C 102 6.18 -22.71 17.94
CA ASP C 102 7.40 -23.39 17.48
C ASP C 102 8.68 -22.65 17.84
N GLY C 103 8.56 -21.58 18.63
CA GLY C 103 9.73 -20.80 19.08
C GLY C 103 10.15 -19.72 18.06
N SER C 104 9.45 -19.63 16.94
CA SER C 104 9.75 -18.55 15.96
C SER C 104 8.82 -17.38 16.24
N GLU C 105 9.10 -16.22 15.64
CA GLU C 105 8.28 -15.02 15.86
C GLU C 105 8.14 -14.24 14.56
N LEU C 106 7.01 -13.55 14.43
CA LEU C 106 6.84 -12.68 13.25
C LEU C 106 7.01 -11.31 13.94
N ARG C 107 8.00 -10.54 13.49
CA ARG C 107 8.31 -9.27 14.11
C ARG C 107 7.96 -8.11 13.23
N TYR C 108 7.33 -7.10 13.81
CA TYR C 108 6.99 -5.91 13.03
C TYR C 108 7.90 -4.78 13.49
N ARG C 109 8.65 -4.18 12.56
CA ARG C 109 9.61 -3.08 12.87
C ARG C 109 9.20 -1.86 12.05
N ASP C 110 9.39 -0.67 12.59
CA ASP C 110 8.98 0.55 11.87
C ASP C 110 9.65 1.70 12.58
N VAL C 111 10.74 2.24 12.01
CA VAL C 111 11.38 3.40 12.62
C VAL C 111 10.38 4.57 12.82
N ARG C 112 9.54 4.84 11.85
CA ARG C 112 8.62 5.99 11.94
C ARG C 112 7.38 5.79 12.80
N LYS C 113 7.04 4.52 13.05
CA LYS C 113 5.86 4.15 13.84
C LYS C 113 4.57 4.58 13.20
N PHE C 114 4.53 4.60 11.88
CA PHE C 114 3.34 5.04 11.18
C PHE C 114 2.34 3.95 10.80
N GLY C 115 2.79 2.70 10.82
CA GLY C 115 1.95 1.59 10.39
C GLY C 115 0.75 1.37 11.28
N THR C 116 -0.20 0.61 10.79
CA THR C 116 -1.42 0.36 11.55
C THR C 116 -1.77 -1.14 11.48
N MET C 117 -2.50 -1.61 12.48
CA MET C 117 -3.01 -2.96 12.61
C MET C 117 -4.46 -2.92 13.08
N HIS C 118 -5.34 -3.65 12.40
CA HIS C 118 -6.74 -3.75 12.80
C HIS C 118 -7.02 -5.23 12.76
N VAL C 119 -7.75 -5.73 13.75
CA VAL C 119 -8.14 -7.14 13.76
C VAL C 119 -9.68 -7.23 13.88
N TYR C 120 -10.28 -8.03 13.00
CA TYR C 120 -11.73 -8.22 12.99
C TYR C 120 -12.01 -9.68 12.62
N ALA C 121 -13.21 -10.14 12.95
CA ALA C 121 -13.62 -11.49 12.54
C ALA C 121 -13.48 -11.42 11.01
N LYS C 122 -13.01 -12.50 10.38
CA LYS C 122 -12.84 -12.50 8.93
C LYS C 122 -14.01 -12.01 8.07
N GLU C 123 -15.21 -12.53 8.31
CA GLU C 123 -16.36 -12.13 7.51
C GLU C 123 -16.70 -10.64 7.59
N GLU C 124 -16.02 -9.94 8.47
CA GLU C 124 -16.32 -8.54 8.69
C GLU C 124 -15.24 -7.58 8.18
N ALA C 125 -14.01 -8.05 8.06
CA ALA C 125 -12.92 -7.17 7.67
C ALA C 125 -13.16 -6.32 6.40
N ASP C 126 -13.73 -6.89 5.35
CA ASP C 126 -13.95 -6.15 4.13
C ASP C 126 -15.00 -5.06 4.27
N ARG C 127 -15.81 -5.09 5.33
CA ARG C 127 -16.86 -4.09 5.53
C ARG C 127 -16.51 -3.07 6.59
N ARG C 128 -15.30 -3.13 7.12
CA ARG C 128 -14.87 -2.20 8.17
C ARG C 128 -13.60 -1.49 7.74
N PRO C 129 -13.17 -0.48 8.52
CA PRO C 129 -11.96 0.24 8.20
C PRO C 129 -10.81 -0.74 8.49
N PRO C 130 -9.68 -0.61 7.78
CA PRO C 130 -9.34 0.34 6.73
C PRO C 130 -9.66 -0.13 5.34
N LEU C 131 -10.33 -1.27 5.22
CA LEU C 131 -10.61 -1.83 3.90
C LEU C 131 -11.93 -1.41 3.28
N ALA C 132 -12.84 -0.97 4.11
CA ALA C 132 -14.20 -0.66 3.65
C ALA C 132 -14.43 0.05 2.28
N GLU C 133 -13.87 1.21 2.07
CA GLU C 133 -14.17 1.90 0.82
C GLU C 133 -13.06 1.80 -0.19
N LEU C 134 -12.20 0.80 -0.02
CA LEU C 134 -11.06 0.63 -0.94
C LEU C 134 -11.51 0.45 -2.37
N GLY C 135 -10.88 1.16 -3.32
CA GLY C 135 -11.21 1.00 -4.73
C GLY C 135 -10.61 -0.28 -5.31
N PRO C 136 -10.84 -0.57 -6.61
CA PRO C 136 -10.37 -1.74 -7.36
C PRO C 136 -8.87 -1.84 -7.48
N GLU C 137 -8.34 -3.05 -7.56
CA GLU C 137 -6.91 -3.25 -7.69
C GLU C 137 -6.53 -2.63 -9.06
N PRO C 138 -5.42 -1.84 -9.14
CA PRO C 138 -5.04 -1.23 -10.42
C PRO C 138 -4.82 -2.22 -11.56
N LEU C 139 -4.41 -3.45 -11.25
CA LEU C 139 -4.19 -4.45 -12.29
C LEU C 139 -5.38 -5.37 -12.52
N SER C 140 -6.56 -5.00 -12.04
CA SER C 140 -7.72 -5.84 -12.24
C SER C 140 -8.70 -5.28 -13.29
N PRO C 141 -9.53 -6.13 -13.91
CA PRO C 141 -10.45 -5.56 -14.90
C PRO C 141 -11.43 -4.60 -14.26
N ALA C 142 -11.60 -4.65 -12.94
CA ALA C 142 -12.57 -3.75 -12.29
C ALA C 142 -12.07 -2.30 -12.33
N PHE C 143 -10.76 -2.11 -12.51
CA PHE C 143 -10.25 -0.75 -12.64
C PHE C 143 -10.23 -0.53 -14.17
N SER C 144 -11.20 0.20 -14.72
CA SER C 144 -11.25 0.37 -16.17
C SER C 144 -11.20 1.82 -16.58
N PRO C 145 -10.96 2.09 -17.89
CA PRO C 145 -10.92 3.48 -18.34
C PRO C 145 -12.25 4.11 -17.97
N ALA C 146 -13.31 3.34 -18.14
CA ALA C 146 -14.66 3.83 -17.83
C ALA C 146 -14.79 4.27 -16.37
N VAL C 147 -14.27 3.44 -15.46
CA VAL C 147 -14.36 3.74 -14.04
C VAL C 147 -13.56 4.99 -13.71
N LEU C 148 -12.40 5.12 -14.34
CA LEU C 148 -11.57 6.27 -14.10
C LEU C 148 -12.32 7.52 -14.61
N ALA C 149 -12.87 7.39 -15.81
CA ALA C 149 -13.65 8.48 -16.46
C ALA C 149 -14.80 8.92 -15.56
N GLU C 150 -15.52 7.96 -15.01
CA GLU C 150 -16.64 8.31 -14.13
C GLU C 150 -16.16 9.15 -12.96
N ARG C 151 -15.08 8.73 -12.32
CA ARG C 151 -14.59 9.47 -11.17
C ARG C 151 -14.01 10.84 -11.56
N ALA C 152 -13.32 10.87 -12.71
CA ALA C 152 -12.71 12.13 -13.13
C ALA C 152 -13.75 13.20 -13.43
N VAL C 153 -14.77 12.81 -14.18
CA VAL C 153 -15.84 13.74 -14.57
C VAL C 153 -16.53 14.38 -13.38
N LYS C 154 -16.76 13.60 -12.32
CA LYS C 154 -17.49 14.09 -11.14
C LYS C 154 -16.74 14.86 -10.06
N THR C 155 -15.48 15.21 -10.27
CA THR C 155 -14.73 15.93 -9.22
C THR C 155 -14.07 17.18 -9.78
N LYS C 156 -13.79 18.14 -8.89
CA LYS C 156 -13.13 19.39 -9.25
C LYS C 156 -11.64 19.35 -8.87
N ARG C 157 -11.17 18.20 -8.40
CA ARG C 157 -9.78 18.07 -7.95
C ARG C 157 -8.84 17.79 -9.12
N SER C 158 -7.53 17.90 -8.84
CA SER C 158 -6.50 17.63 -9.86
C SER C 158 -6.42 16.12 -10.20
N VAL C 159 -5.86 15.78 -11.37
CA VAL C 159 -5.71 14.38 -11.74
C VAL C 159 -4.83 13.69 -10.72
N LYS C 160 -3.83 14.37 -10.19
CA LYS C 160 -2.97 13.73 -9.20
C LYS C 160 -3.73 13.38 -7.92
N ALA C 161 -4.52 14.33 -7.44
CA ALA C 161 -5.30 14.09 -6.25
C ALA C 161 -6.23 12.91 -6.48
N LEU C 162 -6.78 12.78 -7.68
CA LEU C 162 -7.68 11.67 -7.95
C LEU C 162 -6.99 10.30 -7.84
N LEU C 163 -5.84 10.17 -8.49
CA LEU C 163 -5.10 8.92 -8.50
C LEU C 163 -4.56 8.50 -7.13
N LEU C 164 -4.38 9.46 -6.24
CA LEU C 164 -3.88 9.19 -4.90
C LEU C 164 -5.03 8.76 -3.95
N ASP C 165 -6.25 9.00 -4.40
CA ASP C 165 -7.47 8.67 -3.64
C ASP C 165 -7.71 7.14 -3.58
N CYS C 166 -7.53 6.51 -2.42
CA CYS C 166 -7.72 5.05 -2.30
C CYS C 166 -9.11 4.51 -2.68
N THR C 167 -10.13 5.36 -2.72
CA THR C 167 -11.46 4.91 -3.15
C THR C 167 -11.52 4.90 -4.68
N VAL C 168 -10.56 5.55 -5.36
CA VAL C 168 -10.56 5.52 -6.84
C VAL C 168 -9.85 4.27 -7.35
N VAL C 169 -8.64 4.05 -6.85
CA VAL C 169 -7.88 2.88 -7.24
C VAL C 169 -7.05 2.50 -5.99
N ALA C 170 -6.91 1.20 -5.72
CA ALA C 170 -6.22 0.78 -4.49
C ALA C 170 -4.70 0.90 -4.43
N GLY C 171 -4.19 1.61 -3.43
CA GLY C 171 -2.74 1.69 -3.24
C GLY C 171 -1.77 2.12 -4.34
N PHE C 172 -2.20 3.02 -5.22
CA PHE C 172 -1.34 3.53 -6.29
C PHE C 172 -0.50 4.67 -5.66
N GLY C 173 0.76 4.43 -5.36
CA GLY C 173 1.53 5.49 -4.71
C GLY C 173 2.03 6.71 -5.52
N ASN C 174 2.54 7.69 -4.77
CA ASN C 174 3.05 8.92 -5.31
C ASN C 174 4.05 8.66 -6.46
N ILE C 175 4.99 7.77 -6.25
CA ILE C 175 5.95 7.50 -7.27
C ILE C 175 5.30 7.00 -8.54
N TYR C 176 4.33 6.11 -8.41
CA TYR C 176 3.71 5.56 -9.60
C TYR C 176 2.79 6.57 -10.28
N VAL C 177 2.19 7.47 -9.48
CA VAL C 177 1.32 8.50 -10.04
C VAL C 177 2.14 9.44 -10.94
N ASP C 178 3.28 9.91 -10.45
CA ASP C 178 4.14 10.82 -11.21
C ASP C 178 4.73 10.13 -12.44
N GLU C 179 5.21 8.89 -12.30
CA GLU C 179 5.76 8.17 -13.45
C GLU C 179 4.67 7.89 -14.49
N SER C 180 3.44 7.56 -14.05
CA SER C 180 2.32 7.27 -14.98
C SER C 180 1.84 8.51 -15.73
N LEU C 181 1.81 9.65 -15.04
CA LEU C 181 1.40 10.89 -15.67
C LEU C 181 2.44 11.29 -16.72
N PHE C 182 3.72 11.16 -16.38
CA PHE C 182 4.82 11.46 -17.33
C PHE C 182 4.66 10.56 -18.56
N ARG C 183 4.49 9.27 -18.36
CA ARG C 183 4.36 8.38 -19.54
C ARG C 183 3.13 8.64 -20.37
N ALA C 184 2.09 9.18 -19.73
CA ALA C 184 0.85 9.51 -20.43
C ALA C 184 0.86 10.94 -21.01
N GLY C 185 1.85 11.76 -20.67
CA GLY C 185 1.95 13.12 -21.21
C GLY C 185 0.96 14.08 -20.58
N ILE C 186 0.61 13.83 -19.33
CA ILE C 186 -0.39 14.65 -18.61
C ILE C 186 0.20 15.36 -17.40
N LEU C 187 -0.01 16.67 -17.31
CA LEU C 187 0.52 17.43 -16.19
C LEU C 187 -0.26 17.02 -14.94
N PRO C 188 0.45 16.87 -13.83
CA PRO C 188 -0.19 16.47 -12.55
C PRO C 188 -1.22 17.49 -12.01
N GLY C 189 -0.98 18.78 -12.24
CA GLY C 189 -1.91 19.80 -11.75
C GLY C 189 -3.17 19.99 -12.61
N ARG C 190 -3.34 19.17 -13.65
CA ARG C 190 -4.51 19.25 -14.53
C ARG C 190 -5.80 18.81 -13.81
N PRO C 191 -6.89 19.59 -13.94
CA PRO C 191 -8.16 19.23 -13.30
C PRO C 191 -8.58 17.91 -13.93
N ALA C 192 -8.93 16.92 -13.07
CA ALA C 192 -9.31 15.59 -13.54
C ALA C 192 -10.40 15.67 -14.57
N ALA C 193 -11.30 16.62 -14.36
CA ALA C 193 -12.43 16.79 -15.25
C ALA C 193 -12.02 17.38 -16.61
N SER C 194 -10.80 17.91 -16.73
CA SER C 194 -10.38 18.47 -18.02
C SER C 194 -9.80 17.39 -18.96
N LEU C 195 -9.54 16.17 -18.48
CA LEU C 195 -8.99 15.14 -19.36
C LEU C 195 -10.00 14.66 -20.39
N SER C 196 -9.54 14.43 -21.61
CA SER C 196 -10.43 13.97 -22.67
C SER C 196 -10.51 12.46 -22.53
N SER C 197 -11.40 11.80 -23.27
CA SER C 197 -11.44 10.37 -23.09
C SER C 197 -10.18 9.75 -23.68
N LYS C 198 -9.56 10.43 -24.64
CA LYS C 198 -8.35 9.87 -25.22
C LYS C 198 -7.26 9.91 -24.14
N GLU C 199 -7.22 11.00 -23.38
CA GLU C 199 -6.22 11.10 -22.33
C GLU C 199 -6.54 10.08 -21.23
N ILE C 200 -7.81 9.99 -20.84
CA ILE C 200 -8.19 9.05 -19.77
C ILE C 200 -7.74 7.66 -20.16
N GLU C 201 -8.00 7.25 -21.39
CA GLU C 201 -7.56 5.93 -21.81
C GLU C 201 -6.04 5.76 -21.79
N ARG C 202 -5.34 6.79 -22.24
CA ARG C 202 -3.89 6.72 -22.25
C ARG C 202 -3.38 6.62 -20.77
N LEU C 203 -3.94 7.44 -19.89
CA LEU C 203 -3.56 7.46 -18.47
C LEU C 203 -3.81 6.04 -17.89
N HIS C 204 -4.99 5.50 -18.13
CA HIS C 204 -5.28 4.17 -17.65
C HIS C 204 -4.27 3.18 -18.13
N GLU C 205 -3.90 3.21 -19.43
CA GLU C 205 -2.90 2.25 -19.96
C GLU C 205 -1.53 2.45 -19.32
N GLU C 206 -1.08 3.69 -19.18
CA GLU C 206 0.22 3.90 -18.58
C GLU C 206 0.23 3.48 -17.09
N MET C 207 -0.86 3.71 -16.35
CA MET C 207 -0.94 3.29 -14.96
C MET C 207 -0.71 1.76 -14.85
N VAL C 208 -1.42 0.99 -15.68
CA VAL C 208 -1.30 -0.45 -15.71
C VAL C 208 0.07 -0.96 -16.12
N ALA C 209 0.65 -0.40 -17.18
CA ALA C 209 1.97 -0.85 -17.59
C ALA C 209 2.99 -0.48 -16.51
N THR C 210 2.88 0.72 -15.94
CA THR C 210 3.84 1.14 -14.94
C THR C 210 3.83 0.28 -13.69
N ILE C 211 2.65 0.10 -13.12
CA ILE C 211 2.62 -0.69 -11.92
C ILE C 211 2.77 -2.17 -12.27
N GLY C 212 2.27 -2.58 -13.43
CA GLY C 212 2.40 -3.96 -13.87
C GLY C 212 3.86 -4.40 -14.06
N GLU C 213 4.67 -3.55 -14.70
CA GLU C 213 6.11 -3.77 -14.91
C GLU C 213 6.79 -3.91 -13.55
N ALA C 214 6.42 -3.02 -12.62
CA ALA C 214 7.03 -3.05 -11.29
C ALA C 214 6.66 -4.30 -10.48
N VAL C 215 5.39 -4.71 -10.53
CA VAL C 215 4.98 -5.88 -9.74
C VAL C 215 5.64 -7.14 -10.30
N MET C 216 5.83 -7.14 -11.62
CA MET C 216 6.45 -8.21 -12.36
C MET C 216 7.96 -8.04 -12.29
N HIS C 238 15.05 2.79 -15.38
CA HIS C 238 14.85 3.32 -14.03
C HIS C 238 13.57 4.21 -13.94
N LEU C 239 13.69 5.35 -13.28
CA LEU C 239 12.59 6.29 -13.12
C LEU C 239 12.73 7.45 -14.10
N TYR C 240 11.62 8.00 -14.59
CA TYR C 240 11.71 9.13 -15.53
C TYR C 240 11.76 10.49 -14.85
N VAL C 241 10.89 10.64 -13.84
CA VAL C 241 10.78 11.90 -13.12
C VAL C 241 10.88 11.88 -11.59
N TYR C 242 10.32 10.85 -10.96
CA TYR C 242 10.33 10.77 -9.50
C TYR C 242 11.74 10.85 -8.87
N GLY C 243 11.92 11.89 -8.06
CA GLY C 243 13.18 12.16 -7.40
C GLY C 243 14.27 12.66 -8.34
N ARG C 244 13.98 12.93 -9.62
CA ARG C 244 15.04 13.38 -10.55
C ARG C 244 15.05 14.89 -10.77
N GLN C 245 14.43 15.61 -9.83
CA GLN C 245 14.32 17.07 -9.80
C GLN C 245 15.67 17.66 -10.23
N GLY C 246 15.66 18.60 -11.17
CA GLY C 246 16.92 19.19 -11.62
C GLY C 246 17.79 18.39 -12.59
N ASN C 247 17.46 17.13 -12.82
CA ASN C 247 18.24 16.35 -13.76
C ASN C 247 17.53 16.42 -15.10
N PRO C 248 18.27 16.16 -16.19
CA PRO C 248 17.59 16.23 -17.49
C PRO C 248 16.56 15.10 -17.64
N CYS C 249 15.47 15.40 -18.34
CA CYS C 249 14.43 14.43 -18.63
C CYS C 249 15.11 13.42 -19.53
N LYS C 250 14.83 12.14 -19.30
CA LYS C 250 15.42 11.06 -20.07
C LYS C 250 14.92 10.97 -21.49
N ARG C 251 13.80 11.62 -21.75
CA ARG C 251 13.26 11.58 -23.09
C ARG C 251 13.59 12.83 -23.91
N CYS C 252 13.73 14.01 -23.27
CA CYS C 252 13.99 15.22 -24.04
C CYS C 252 15.10 16.09 -23.51
N GLY C 253 15.65 15.77 -22.35
CA GLY C 253 16.73 16.57 -21.83
C GLY C 253 16.33 17.79 -21.06
N THR C 254 15.06 18.19 -21.08
CA THR C 254 14.60 19.35 -20.32
C THR C 254 14.72 19.02 -18.81
N PRO C 255 15.18 19.98 -17.99
CA PRO C 255 15.26 19.67 -16.55
C PRO C 255 13.91 19.32 -15.91
N ILE C 256 13.90 18.23 -15.15
CA ILE C 256 12.68 17.82 -14.47
C ILE C 256 12.35 18.83 -13.36
N GLU C 257 11.11 19.22 -13.24
CA GLU C 257 10.73 20.12 -12.17
C GLU C 257 9.96 19.44 -11.04
N LYS C 258 10.08 20.01 -9.84
CA LYS C 258 9.39 19.52 -8.65
C LYS C 258 8.57 20.65 -7.99
N THR C 259 7.31 20.34 -7.73
CA THR C 259 6.40 21.30 -7.09
C THR C 259 5.48 20.50 -6.16
N VAL C 260 4.58 21.21 -5.48
CA VAL C 260 3.63 20.60 -4.55
C VAL C 260 2.28 20.60 -5.25
N VAL C 261 1.71 19.40 -5.47
CA VAL C 261 0.38 19.23 -6.08
C VAL C 261 -0.36 18.23 -5.17
N ALA C 262 -1.62 18.50 -4.86
CA ALA C 262 -2.37 17.62 -3.95
C ALA C 262 -1.63 17.44 -2.61
N GLY C 263 -0.90 18.47 -2.18
CA GLY C 263 -0.18 18.44 -0.93
C GLY C 263 1.05 17.54 -0.87
N ARG C 264 1.48 16.99 -2.01
CA ARG C 264 2.64 16.09 -2.02
C ARG C 264 3.75 16.54 -2.99
N GLY C 265 4.99 16.10 -2.73
CA GLY C 265 6.10 16.39 -3.65
C GLY C 265 5.68 15.79 -5.01
N THR C 266 5.79 16.58 -6.08
CA THR C 266 5.36 16.20 -7.44
C THR C 266 6.41 16.56 -8.52
N HIS C 267 6.81 15.56 -9.32
CA HIS C 267 7.83 15.73 -10.34
C HIS C 267 7.24 15.58 -11.71
N TYR C 268 7.72 16.40 -12.64
CA TYR C 268 7.19 16.31 -14.00
C TYR C 268 8.14 17.00 -15.00
N CYS C 269 7.96 16.67 -16.27
CA CYS C 269 8.75 17.30 -17.36
C CYS C 269 7.82 18.37 -17.93
N PRO C 270 8.20 19.65 -17.85
CA PRO C 270 7.36 20.71 -18.37
C PRO C 270 7.15 20.71 -19.86
N ARG C 271 8.08 20.13 -20.59
CA ARG C 271 7.96 20.06 -22.06
C ARG C 271 7.05 18.93 -22.51
N CYS C 272 7.27 17.74 -21.96
CA CYS C 272 6.50 16.57 -22.39
C CYS C 272 5.10 16.33 -21.78
N GLN C 273 4.82 16.92 -20.64
CA GLN C 273 3.51 16.74 -20.06
C GLN C 273 2.77 18.04 -20.30
N ARG C 274 1.50 17.92 -20.67
CA ARG C 274 0.62 19.02 -21.01
C ARG C 274 -0.67 19.03 -20.14
ZN ZN D . 10.88 15.60 -21.27
C1 GOL E . -1.72 -12.73 27.25
O1 GOL E . -0.15 -12.67 26.85
C2 GOL E . -2.81 -12.21 26.49
O2 GOL E . -2.43 -11.15 25.79
C3 GOL E . -3.82 -12.89 26.63
O3 GOL E . -4.82 -14.02 27.10
#